data_1NK5
#
_entry.id   1NK5
#
_cell.length_a   87.574
_cell.length_b   93.389
_cell.length_c   105.868
_cell.angle_alpha   90.00
_cell.angle_beta   90.00
_cell.angle_gamma   90.00
#
_symmetry.space_group_name_H-M   'P 21 21 21'
#
loop_
_entity.id
_entity.type
_entity.pdbx_description
1 polymer 'DNA PRIMER STRAND'
2 polymer 'DNA TEMPLATE STRAND'
3 polymer 'DNA POLYMERASE I'
4 branched beta-D-fructofuranose-(2-1)-alpha-D-glucopyranose
5 non-polymer 'MAGNESIUM ION'
6 non-polymer 'SULFATE ION'
7 water water
#
loop_
_entity_poly.entity_id
_entity_poly.type
_entity_poly.pdbx_seq_one_letter_code
_entity_poly.pdbx_strand_id
1 'polydeoxyribonucleotide' (DG)(DC)(DA)(DT)(DG)(DG)(DC)(DA)(DT)(DT)(DG)(DA)(DT)(DA)(DA) B
2 'polydeoxyribonucleotide' (DG)(DA)(DT)(DA)(DT)(DC)(DA)(DA)(DT)(DG)(DC)(DC)(DA)(DT)(DG)(DC) C
3 'polypeptide(L)'
;AKMAFTLADRVTEEMLADKAALVVEVVEENYHDAPIVGIAVVNEHGRFFLRPETALADPQFVAWLGDETKKKSMFDSKRA
AVALKWKGIELCGVSFDLLLAAYLLDPAQGVDDVAAAAKMKQYEAVRPDEAVYGKGAKRAVPDEPVLAEHLVRKAAAIWE
LERPFLDELRRNEQDRLLVELEQPLSSILAEMEFAGVKVDTKRLEQMGKELAEQLGTVEQRIYELAGQEFNINSPKQLGV
ILFEKLQLPVLKKTKTGYSTSADVLEKLAPYHEIVENILHYRQLGKLQSTYIEGLLKVVRPDTKKVHTIFNQALTQTGRL
SSTEPNLQNIPIRLEEGRKIRQAFVPSESDWLIFAADYSQIELRVLAHIAEDDNLMEAFRRDLDIHTKTAMDIFQVSEDE
VTPNMRRQAKAVNFGIVYGISDYGLAQNLNISRKEAAEFIERYFESFPGVKRYMENIVQEAKQKGYVTTLLHRRRYLPDI
TSRNFNVRSFAERMAMNTPIQGSAADIIKKAMIDLNARLKEERLQAHLLLQVHDELILEAPKEEMERLCRLVPEVMEQAV
TLRVPLKVDYHYGSTWYDAK
;
A
#
loop_
_chem_comp.id
_chem_comp.type
_chem_comp.name
_chem_comp.formula
DA DNA linking 2'-DEOXYADENOSINE-5'-MONOPHOSPHATE 'C10 H14 N5 O6 P'
DC DNA linking 2'-DEOXYCYTIDINE-5'-MONOPHOSPHATE 'C9 H14 N3 O7 P'
DG DNA linking 2'-DEOXYGUANOSINE-5'-MONOPHOSPHATE 'C10 H14 N5 O7 P'
DT DNA linking THYMIDINE-5'-MONOPHOSPHATE 'C10 H15 N2 O8 P'
FRU D-saccharide, beta linking beta-D-fructofuranose 'C6 H12 O6'
GLC D-saccharide, alpha linking alpha-D-glucopyranose 'C6 H12 O6'
MG non-polymer 'MAGNESIUM ION' 'Mg 2'
SO4 non-polymer 'SULFATE ION' 'O4 S -2'
#
# COMPACT_ATOMS: atom_id res chain seq x y z
N ALA C 1 -3.22 -40.11 1.62
CA ALA C 1 -2.30 -40.83 0.70
C ALA C 1 -1.28 -39.87 0.10
N LYS C 2 -0.01 -40.28 0.11
CA LYS C 2 1.06 -39.45 -0.43
C LYS C 2 0.84 -39.14 -1.91
N MET C 3 1.45 -38.06 -2.38
CA MET C 3 1.33 -37.68 -3.77
C MET C 3 2.60 -38.10 -4.51
N ALA C 4 2.42 -38.75 -5.65
CA ALA C 4 3.55 -39.23 -6.44
C ALA C 4 4.29 -38.13 -7.18
N PHE C 5 5.60 -38.24 -7.21
CA PHE C 5 6.45 -37.27 -7.92
C PHE C 5 7.87 -37.79 -8.04
N THR C 6 8.59 -37.27 -9.02
CA THR C 6 9.97 -37.65 -9.27
C THR C 6 10.92 -36.69 -8.56
N LEU C 7 11.72 -37.21 -7.64
CA LEU C 7 12.68 -36.38 -6.95
C LEU C 7 13.92 -36.53 -7.82
N ALA C 8 14.05 -35.62 -8.79
CA ALA C 8 15.12 -35.63 -9.76
C ALA C 8 16.50 -35.18 -9.27
N ASP C 9 17.52 -35.84 -9.80
CA ASP C 9 18.91 -35.53 -9.47
C ASP C 9 19.46 -34.62 -10.56
N ARG C 10 18.72 -34.52 -11.66
CA ARG C 10 19.10 -33.69 -12.79
C ARG C 10 17.89 -33.30 -13.62
N VAL C 11 17.99 -32.19 -14.34
CA VAL C 11 16.91 -31.69 -15.17
C VAL C 11 16.76 -32.47 -16.48
N THR C 12 15.52 -32.79 -16.85
CA THR C 12 15.26 -33.50 -18.10
C THR C 12 14.37 -32.66 -19.00
N GLU C 13 14.27 -33.05 -20.27
CA GLU C 13 13.48 -32.32 -21.26
C GLU C 13 11.99 -32.22 -20.94
N GLU C 14 11.41 -33.31 -20.41
CA GLU C 14 10.00 -33.30 -20.08
C GLU C 14 9.66 -32.37 -18.92
N MET C 15 10.69 -31.87 -18.24
CA MET C 15 10.50 -30.94 -17.14
C MET C 15 10.42 -29.53 -17.71
N LEU C 16 10.66 -29.41 -19.00
CA LEU C 16 10.66 -28.12 -19.67
C LEU C 16 9.53 -27.92 -20.68
N ALA C 17 8.35 -28.40 -20.34
CA ALA C 17 7.18 -28.26 -21.22
C ALA C 17 6.82 -26.78 -21.38
N ASP C 18 5.96 -26.49 -22.34
CA ASP C 18 5.57 -25.10 -22.62
C ASP C 18 4.49 -24.54 -21.69
N LYS C 19 4.08 -25.34 -20.70
CA LYS C 19 3.09 -24.91 -19.71
C LYS C 19 3.26 -25.77 -18.48
N ALA C 20 3.33 -25.12 -17.33
CA ALA C 20 3.53 -25.86 -16.09
C ALA C 20 3.23 -25.02 -14.86
N ALA C 21 2.99 -25.69 -13.75
CA ALA C 21 2.78 -25.01 -12.49
C ALA C 21 4.22 -25.00 -11.97
N LEU C 22 4.71 -23.82 -11.61
CA LEU C 22 6.07 -23.72 -11.12
C LEU C 22 6.13 -23.19 -9.71
N VAL C 23 6.97 -23.82 -8.89
CA VAL C 23 7.17 -23.41 -7.50
C VAL C 23 8.67 -23.22 -7.26
N VAL C 24 9.04 -21.99 -6.91
CA VAL C 24 10.43 -21.64 -6.61
C VAL C 24 10.28 -21.09 -5.21
N GLU C 25 10.40 -22.00 -4.24
CA GLU C 25 10.21 -21.67 -2.83
C GLU C 25 11.24 -20.82 -2.12
N VAL C 26 10.76 -19.71 -1.55
CA VAL C 26 11.58 -18.82 -0.74
C VAL C 26 10.83 -18.75 0.58
N VAL C 27 11.38 -19.40 1.60
CA VAL C 27 10.74 -19.46 2.91
C VAL C 27 10.88 -18.18 3.73
N GLU C 28 12.03 -17.53 3.64
CA GLU C 28 12.27 -16.28 4.37
C GLU C 28 11.17 -15.31 3.97
N GLU C 29 10.54 -14.64 4.94
CA GLU C 29 9.48 -13.70 4.60
C GLU C 29 9.97 -12.57 3.71
N ASN C 30 11.15 -12.03 4.03
CA ASN C 30 11.73 -10.97 3.22
C ASN C 30 12.57 -11.74 2.22
N TYR C 31 12.11 -11.79 0.96
CA TYR C 31 12.79 -12.55 -0.08
C TYR C 31 13.99 -11.91 -0.77
N HIS C 32 14.37 -10.70 -0.36
CA HIS C 32 15.49 -10.03 -0.98
C HIS C 32 16.81 -10.75 -0.67
N ASP C 33 17.50 -11.20 -1.71
CA ASP C 33 18.78 -11.90 -1.57
C ASP C 33 18.62 -13.12 -0.66
N ALA C 34 17.41 -13.67 -0.61
CA ALA C 34 17.11 -14.84 0.22
C ALA C 34 17.34 -16.14 -0.51
N PRO C 35 17.46 -17.24 0.24
CA PRO C 35 17.69 -18.55 -0.37
C PRO C 35 16.44 -19.14 -1.03
N ILE C 36 16.67 -19.91 -2.08
CA ILE C 36 15.60 -20.62 -2.77
C ILE C 36 15.84 -22.04 -2.25
N VAL C 37 14.93 -22.54 -1.42
CA VAL C 37 15.08 -23.86 -0.80
C VAL C 37 14.69 -25.07 -1.63
N GLY C 38 13.94 -24.85 -2.70
CA GLY C 38 13.54 -25.97 -3.53
C GLY C 38 12.67 -25.56 -4.69
N ILE C 39 12.59 -26.42 -5.69
CA ILE C 39 11.80 -26.17 -6.88
C ILE C 39 10.88 -27.34 -7.19
N ALA C 40 9.67 -27.03 -7.65
CA ALA C 40 8.72 -28.06 -8.02
C ALA C 40 8.09 -27.66 -9.34
N VAL C 41 7.88 -28.65 -10.20
CA VAL C 41 7.29 -28.44 -11.51
C VAL C 41 6.24 -29.50 -11.75
N VAL C 42 5.05 -29.07 -12.15
CA VAL C 42 3.98 -30.00 -12.46
C VAL C 42 3.46 -29.64 -13.84
N ASN C 43 3.56 -30.59 -14.77
CA ASN C 43 3.09 -30.37 -16.13
C ASN C 43 2.41 -31.64 -16.68
N GLU C 44 2.11 -31.63 -17.97
CA GLU C 44 1.47 -32.77 -18.62
C GLU C 44 2.21 -34.08 -18.42
N HIS C 45 3.53 -34.01 -18.29
CA HIS C 45 4.35 -35.22 -18.12
C HIS C 45 4.46 -35.74 -16.70
N GLY C 46 3.97 -34.99 -15.72
CA GLY C 46 4.04 -35.45 -14.35
C GLY C 46 4.49 -34.41 -13.35
N ARG C 47 4.87 -34.88 -12.16
CA ARG C 47 5.30 -34.00 -11.07
C ARG C 47 6.78 -34.20 -10.74
N PHE C 48 7.51 -33.09 -10.63
CA PHE C 48 8.94 -33.17 -10.34
C PHE C 48 9.40 -32.21 -9.25
N PHE C 49 10.41 -32.66 -8.50
CA PHE C 49 11.02 -31.84 -7.46
C PHE C 49 12.49 -31.74 -7.82
N LEU C 50 13.04 -30.53 -7.78
CA LEU C 50 14.43 -30.29 -8.12
C LEU C 50 15.12 -29.51 -7.01
N ARG C 51 16.40 -29.83 -6.78
CA ARG C 51 17.18 -29.13 -5.78
C ARG C 51 17.63 -27.84 -6.46
N PRO C 52 17.53 -26.71 -5.75
CA PRO C 52 17.93 -25.41 -6.32
C PRO C 52 19.34 -25.38 -6.90
N GLU C 53 20.31 -25.98 -6.21
CA GLU C 53 21.69 -25.97 -6.70
C GLU C 53 21.75 -26.63 -8.07
N THR C 54 20.96 -27.68 -8.24
CA THR C 54 20.90 -28.42 -9.49
C THR C 54 20.20 -27.63 -10.59
N ALA C 55 18.92 -27.35 -10.37
CA ALA C 55 18.13 -26.63 -11.34
C ALA C 55 18.73 -25.29 -11.77
N LEU C 56 19.02 -24.44 -10.79
CA LEU C 56 19.56 -23.11 -11.08
C LEU C 56 20.96 -23.07 -11.69
N ALA C 57 21.65 -24.20 -11.73
CA ALA C 57 22.98 -24.24 -12.32
C ALA C 57 22.89 -24.84 -13.71
N ASP C 58 21.72 -25.38 -14.04
CA ASP C 58 21.50 -26.01 -15.34
C ASP C 58 21.11 -25.00 -16.40
N PRO C 59 21.94 -24.87 -17.45
CA PRO C 59 21.70 -23.94 -18.56
C PRO C 59 20.31 -24.06 -19.17
N GLN C 60 19.85 -25.29 -19.35
CA GLN C 60 18.54 -25.55 -19.94
C GLN C 60 17.39 -25.06 -19.07
N PHE C 61 17.47 -25.32 -17.77
CA PHE C 61 16.42 -24.89 -16.85
C PHE C 61 16.35 -23.37 -16.79
N VAL C 62 17.51 -22.73 -16.70
CA VAL C 62 17.59 -21.27 -16.62
C VAL C 62 16.99 -20.65 -17.89
N ALA C 63 17.29 -21.24 -19.04
CA ALA C 63 16.78 -20.73 -20.30
C ALA C 63 15.26 -20.93 -20.34
N TRP C 64 14.79 -22.04 -19.78
CA TRP C 64 13.36 -22.33 -19.75
C TRP C 64 12.68 -21.26 -18.89
N LEU C 65 13.30 -20.91 -17.77
CA LEU C 65 12.77 -19.89 -16.86
C LEU C 65 12.60 -18.56 -17.57
N GLY C 66 13.62 -18.18 -18.34
CA GLY C 66 13.57 -16.91 -19.04
C GLY C 66 12.89 -16.89 -20.40
N ASP C 67 12.30 -18.02 -20.81
CA ASP C 67 11.61 -18.06 -22.10
C ASP C 67 10.14 -17.72 -21.88
N GLU C 68 9.72 -16.56 -22.37
CA GLU C 68 8.35 -16.13 -22.18
C GLU C 68 7.32 -16.94 -22.98
N THR C 69 7.78 -17.82 -23.86
CA THR C 69 6.86 -18.64 -24.64
C THR C 69 6.54 -19.91 -23.84
N LYS C 70 7.31 -20.14 -22.77
CA LYS C 70 7.10 -21.28 -21.88
C LYS C 70 6.27 -20.70 -20.75
N LYS C 71 4.98 -21.03 -20.73
CA LYS C 71 4.07 -20.48 -19.74
C LYS C 71 4.10 -21.15 -18.37
N LYS C 72 4.08 -20.32 -17.32
CA LYS C 72 4.11 -20.83 -15.95
C LYS C 72 2.97 -20.29 -15.12
N SER C 73 2.42 -21.14 -14.28
CA SER C 73 1.36 -20.75 -13.36
C SER C 73 2.04 -20.86 -11.99
N MET C 74 1.89 -19.83 -11.18
CA MET C 74 2.54 -19.80 -9.88
C MET C 74 1.67 -19.13 -8.81
N PHE C 75 2.25 -19.03 -7.62
CA PHE C 75 1.60 -18.35 -6.51
C PHE C 75 2.63 -17.37 -5.99
N ASP C 76 2.34 -16.07 -6.12
CA ASP C 76 3.26 -15.03 -5.67
C ASP C 76 4.51 -15.12 -6.52
N SER C 77 4.35 -14.93 -7.82
CA SER C 77 5.48 -14.98 -8.73
C SER C 77 6.48 -13.86 -8.46
N LYS C 78 6.01 -12.74 -7.91
CA LYS C 78 6.90 -11.62 -7.61
C LYS C 78 8.01 -12.05 -6.66
N ARG C 79 7.64 -12.87 -5.67
CA ARG C 79 8.58 -13.39 -4.69
C ARG C 79 9.68 -14.19 -5.39
N ALA C 80 9.29 -15.07 -6.32
CA ALA C 80 10.25 -15.89 -7.04
C ALA C 80 11.05 -15.03 -8.02
N ALA C 81 10.37 -14.11 -8.68
CA ALA C 81 11.03 -13.23 -9.64
C ALA C 81 12.16 -12.43 -8.99
N VAL C 82 11.88 -11.84 -7.82
CA VAL C 82 12.90 -11.07 -7.13
C VAL C 82 14.04 -11.94 -6.58
N ALA C 83 13.70 -13.06 -5.96
CA ALA C 83 14.73 -13.95 -5.41
C ALA C 83 15.66 -14.38 -6.55
N LEU C 84 15.10 -14.55 -7.74
CA LEU C 84 15.88 -14.94 -8.91
C LEU C 84 16.72 -13.76 -9.44
N LYS C 85 16.15 -12.56 -9.39
CA LYS C 85 16.87 -11.37 -9.85
C LYS C 85 18.16 -11.23 -9.05
N TRP C 86 18.09 -11.51 -7.74
CA TRP C 86 19.27 -11.42 -6.89
C TRP C 86 20.32 -12.45 -7.27
N LYS C 87 19.88 -13.52 -7.93
CA LYS C 87 20.78 -14.57 -8.38
C LYS C 87 21.17 -14.38 -9.84
N GLY C 88 20.74 -13.25 -10.42
CA GLY C 88 21.06 -12.96 -11.80
C GLY C 88 20.28 -13.77 -12.81
N ILE C 89 19.14 -14.33 -12.39
CA ILE C 89 18.31 -15.13 -13.27
C ILE C 89 16.97 -14.46 -13.54
N GLU C 90 16.59 -14.43 -14.81
CA GLU C 90 15.32 -13.81 -15.20
C GLU C 90 14.18 -14.81 -15.33
N LEU C 91 13.03 -14.43 -14.78
CA LEU C 91 11.84 -15.27 -14.83
C LEU C 91 10.85 -14.59 -15.77
N CYS C 92 10.40 -15.32 -16.78
CA CYS C 92 9.43 -14.78 -17.75
C CYS C 92 8.35 -15.81 -18.00
N GLY C 93 7.33 -15.41 -18.76
CA GLY C 93 6.25 -16.32 -19.12
C GLY C 93 5.26 -16.72 -18.05
N VAL C 94 5.16 -15.93 -16.97
CA VAL C 94 4.20 -16.24 -15.92
C VAL C 94 2.83 -15.76 -16.41
N SER C 95 1.97 -16.69 -16.80
CA SER C 95 0.66 -16.34 -17.31
C SER C 95 -0.45 -16.39 -16.26
N PHE C 96 -0.16 -16.96 -15.09
CA PHE C 96 -1.18 -17.06 -14.04
C PHE C 96 -0.55 -17.06 -12.65
N ASP C 97 -1.01 -16.12 -11.82
CA ASP C 97 -0.54 -16.01 -10.45
C ASP C 97 -1.76 -16.23 -9.53
N LEU C 98 -1.82 -17.38 -8.88
CA LEU C 98 -2.92 -17.73 -7.99
C LEU C 98 -3.14 -16.77 -6.82
N LEU C 99 -2.06 -16.21 -6.29
CA LEU C 99 -2.20 -15.27 -5.18
C LEU C 99 -3.01 -14.05 -5.61
N LEU C 100 -2.63 -13.48 -6.75
CA LEU C 100 -3.33 -12.32 -7.29
C LEU C 100 -4.76 -12.65 -7.69
N ALA C 101 -4.96 -13.86 -8.21
CA ALA C 101 -6.29 -14.29 -8.63
C ALA C 101 -7.22 -14.39 -7.42
N ALA C 102 -6.75 -15.02 -6.36
CA ALA C 102 -7.55 -15.16 -5.14
C ALA C 102 -7.84 -13.78 -4.57
N TYR C 103 -6.81 -12.93 -4.54
CA TYR C 103 -6.94 -11.58 -4.02
C TYR C 103 -8.04 -10.81 -4.74
N LEU C 104 -8.08 -10.91 -6.07
CA LEU C 104 -9.09 -10.19 -6.84
C LEU C 104 -10.47 -10.78 -6.58
N LEU C 105 -10.55 -12.10 -6.41
CA LEU C 105 -11.83 -12.75 -6.17
C LEU C 105 -12.43 -12.32 -4.83
N ASP C 106 -11.60 -12.20 -3.81
CA ASP C 106 -12.07 -11.77 -2.51
C ASP C 106 -10.91 -11.37 -1.62
N PRO C 107 -10.57 -10.07 -1.62
CA PRO C 107 -9.46 -9.61 -0.79
C PRO C 107 -9.67 -9.84 0.72
N ALA C 108 -10.92 -9.99 1.13
CA ALA C 108 -11.22 -10.19 2.55
C ALA C 108 -10.75 -11.55 3.07
N GLN C 109 -10.60 -12.52 2.17
CA GLN C 109 -10.14 -13.86 2.55
C GLN C 109 -8.77 -13.85 3.21
N GLY C 110 -7.92 -12.88 2.84
CA GLY C 110 -6.60 -12.81 3.43
C GLY C 110 -5.71 -13.97 2.98
N VAL C 111 -5.93 -14.44 1.76
CA VAL C 111 -5.14 -15.53 1.20
C VAL C 111 -3.65 -15.20 1.17
N ASP C 112 -2.85 -15.95 1.94
CA ASP C 112 -1.42 -15.72 1.94
C ASP C 112 -0.60 -16.97 1.62
N ASP C 113 -1.27 -18.07 1.30
CA ASP C 113 -0.58 -19.27 0.89
C ASP C 113 -1.48 -20.09 -0.02
N VAL C 114 -0.87 -21.02 -0.75
CA VAL C 114 -1.61 -21.86 -1.68
C VAL C 114 -2.78 -22.58 -1.02
N ALA C 115 -2.61 -23.02 0.21
CA ALA C 115 -3.66 -23.73 0.90
C ALA C 115 -4.92 -22.88 1.08
N ALA C 116 -4.73 -21.63 1.49
CA ALA C 116 -5.87 -20.74 1.69
C ALA C 116 -6.62 -20.50 0.39
N ALA C 117 -5.87 -20.33 -0.70
CA ALA C 117 -6.48 -20.11 -1.99
C ALA C 117 -7.22 -21.37 -2.44
N ALA C 118 -6.59 -22.53 -2.25
CA ALA C 118 -7.20 -23.80 -2.63
C ALA C 118 -8.48 -24.09 -1.87
N LYS C 119 -8.52 -23.68 -0.60
CA LYS C 119 -9.70 -23.92 0.21
C LYS C 119 -10.92 -23.22 -0.36
N MET C 120 -10.70 -22.17 -1.14
CA MET C 120 -11.80 -21.43 -1.76
C MET C 120 -12.59 -22.30 -2.73
N LYS C 121 -11.92 -23.29 -3.30
CA LYS C 121 -12.56 -24.20 -4.25
C LYS C 121 -12.67 -25.61 -3.69
N GLN C 122 -12.74 -25.73 -2.37
CA GLN C 122 -12.88 -27.03 -1.71
C GLN C 122 -11.74 -27.99 -2.02
N TYR C 123 -10.55 -27.45 -2.30
CA TYR C 123 -9.39 -28.29 -2.58
C TYR C 123 -8.52 -28.22 -1.33
N GLU C 124 -8.30 -29.37 -0.68
CA GLU C 124 -7.52 -29.40 0.54
C GLU C 124 -6.35 -30.39 0.57
N ALA C 125 -5.97 -30.88 -0.60
CA ALA C 125 -4.87 -31.83 -0.73
C ALA C 125 -3.52 -31.11 -0.70
N VAL C 126 -3.42 -30.09 0.16
CA VAL C 126 -2.19 -29.31 0.31
C VAL C 126 -2.23 -28.68 1.71
N ARG C 127 -1.08 -28.63 2.38
CA ARG C 127 -1.00 -28.07 3.74
C ARG C 127 -0.66 -26.58 3.76
N PRO C 128 -1.06 -25.87 4.82
CA PRO C 128 -0.77 -24.44 4.94
C PRO C 128 0.75 -24.35 5.15
N ASP C 129 1.39 -23.31 4.62
CA ASP C 129 2.84 -23.18 4.78
C ASP C 129 3.22 -23.18 6.25
N GLU C 130 2.44 -22.50 7.06
CA GLU C 130 2.70 -22.40 8.49
C GLU C 130 2.75 -23.77 9.16
N ALA C 131 1.92 -24.68 8.66
CA ALA C 131 1.86 -26.04 9.20
C ALA C 131 3.14 -26.81 8.87
N VAL C 132 3.76 -26.46 7.74
CA VAL C 132 4.97 -27.14 7.32
C VAL C 132 6.24 -26.48 7.84
N TYR C 133 6.32 -25.15 7.71
CA TYR C 133 7.50 -24.42 8.14
C TYR C 133 7.45 -23.92 9.58
N GLY C 134 6.27 -23.98 10.20
CA GLY C 134 6.13 -23.49 11.56
C GLY C 134 6.05 -21.98 11.49
N LYS C 135 6.07 -21.31 12.63
CA LYS C 135 6.00 -19.85 12.63
C LYS C 135 6.84 -19.22 13.73
N GLY C 136 7.20 -17.95 13.55
CA GLY C 136 7.99 -17.25 14.53
C GLY C 136 9.40 -17.79 14.67
N ALA C 137 9.90 -17.84 15.89
CA ALA C 137 11.25 -18.31 16.15
C ALA C 137 11.39 -19.79 15.77
N LYS C 138 10.32 -20.54 15.94
CA LYS C 138 10.32 -21.97 15.63
C LYS C 138 10.27 -22.33 14.15
N ARG C 139 10.13 -21.34 13.28
CA ARG C 139 10.08 -21.62 11.85
C ARG C 139 11.38 -22.25 11.38
N ALA C 140 11.30 -23.04 10.30
CA ALA C 140 12.47 -23.71 9.75
C ALA C 140 12.10 -24.58 8.55
N VAL C 141 13.06 -24.77 7.66
CA VAL C 141 12.87 -25.60 6.48
C VAL C 141 13.03 -27.05 6.91
N PRO C 142 11.99 -27.89 6.70
CA PRO C 142 12.05 -29.30 7.08
C PRO C 142 12.98 -30.12 6.19
N ASP C 143 13.09 -31.42 6.47
CA ASP C 143 13.95 -32.29 5.67
C ASP C 143 13.40 -32.46 4.26
N GLU C 144 14.28 -32.78 3.32
CA GLU C 144 13.93 -32.93 1.92
C GLU C 144 12.65 -33.71 1.61
N PRO C 145 12.44 -34.88 2.26
CA PRO C 145 11.23 -35.65 1.98
C PRO C 145 9.96 -34.83 2.25
N VAL C 146 9.94 -34.14 3.39
CA VAL C 146 8.82 -33.32 3.79
C VAL C 146 8.71 -32.08 2.92
N LEU C 147 9.85 -31.44 2.67
CA LEU C 147 9.88 -30.24 1.85
C LEU C 147 9.42 -30.53 0.43
N ALA C 148 9.98 -31.56 -0.18
CA ALA C 148 9.66 -31.94 -1.55
C ALA C 148 8.19 -32.27 -1.78
N GLU C 149 7.57 -32.96 -0.83
CA GLU C 149 6.17 -33.30 -0.99
C GLU C 149 5.30 -32.05 -0.93
N HIS C 150 5.65 -31.14 -0.01
CA HIS C 150 4.90 -29.91 0.14
C HIS C 150 4.93 -29.06 -1.13
N LEU C 151 6.11 -28.86 -1.71
CA LEU C 151 6.22 -28.05 -2.93
C LEU C 151 5.47 -28.67 -4.10
N VAL C 152 5.52 -30.00 -4.19
CA VAL C 152 4.83 -30.71 -5.25
C VAL C 152 3.32 -30.54 -5.09
N ARG C 153 2.85 -30.66 -3.85
CA ARG C 153 1.42 -30.52 -3.59
C ARG C 153 0.95 -29.09 -3.88
N LYS C 154 1.80 -28.10 -3.61
CA LYS C 154 1.41 -26.73 -3.91
C LYS C 154 1.39 -26.57 -5.44
N ALA C 155 2.44 -27.06 -6.09
CA ALA C 155 2.50 -26.99 -7.54
C ALA C 155 1.29 -27.69 -8.16
N ALA C 156 0.91 -28.84 -7.58
CA ALA C 156 -0.23 -29.59 -8.08
C ALA C 156 -1.55 -28.85 -7.89
N ALA C 157 -1.69 -28.14 -6.77
CA ALA C 157 -2.90 -27.39 -6.49
C ALA C 157 -3.04 -26.28 -7.52
N ILE C 158 -1.93 -25.59 -7.82
CA ILE C 158 -1.92 -24.51 -8.79
C ILE C 158 -2.32 -25.04 -10.18
N TRP C 159 -1.73 -26.17 -10.55
CA TRP C 159 -2.02 -26.80 -11.84
C TRP C 159 -3.51 -27.10 -11.98
N GLU C 160 -4.10 -27.55 -10.88
CA GLU C 160 -5.51 -27.91 -10.83
C GLU C 160 -6.48 -26.74 -10.70
N LEU C 161 -6.07 -25.74 -9.92
CA LEU C 161 -6.93 -24.58 -9.65
C LEU C 161 -6.95 -23.45 -10.68
N GLU C 162 -5.98 -23.41 -11.58
CA GLU C 162 -5.94 -22.35 -12.57
C GLU C 162 -7.26 -22.16 -13.32
N ARG C 163 -7.78 -23.24 -13.87
CA ARG C 163 -9.02 -23.18 -14.64
C ARG C 163 -10.22 -22.63 -13.86
N PRO C 164 -10.55 -23.22 -12.71
CA PRO C 164 -11.69 -22.70 -11.95
C PRO C 164 -11.55 -21.24 -11.53
N PHE C 165 -10.34 -20.83 -11.14
CA PHE C 165 -10.14 -19.44 -10.74
C PHE C 165 -10.32 -18.49 -11.91
N LEU C 166 -9.78 -18.86 -13.07
CA LEU C 166 -9.92 -18.03 -14.26
C LEU C 166 -11.38 -17.94 -14.70
N ASP C 167 -12.13 -19.04 -14.55
CA ASP C 167 -13.53 -19.05 -14.94
C ASP C 167 -14.35 -18.10 -14.05
N GLU C 168 -14.08 -18.10 -12.76
CA GLU C 168 -14.83 -17.21 -11.87
C GLU C 168 -14.43 -15.77 -12.14
N LEU C 169 -13.14 -15.52 -12.36
CA LEU C 169 -12.68 -14.17 -12.65
C LEU C 169 -13.44 -13.67 -13.87
N ARG C 170 -13.56 -14.52 -14.87
CA ARG C 170 -14.27 -14.15 -16.09
C ARG C 170 -15.73 -13.80 -15.78
N ARG C 171 -16.39 -14.64 -14.98
CA ARG C 171 -17.78 -14.41 -14.59
C ARG C 171 -17.92 -13.03 -13.96
N ASN C 172 -16.94 -12.68 -13.11
CA ASN C 172 -16.90 -11.40 -12.40
C ASN C 172 -16.44 -10.25 -13.29
N GLU C 173 -16.02 -10.55 -14.52
CA GLU C 173 -15.51 -9.52 -15.43
C GLU C 173 -14.19 -8.99 -14.88
N GLN C 174 -13.41 -9.86 -14.26
CA GLN C 174 -12.13 -9.47 -13.68
C GLN C 174 -10.96 -10.14 -14.39
N ASP C 175 -11.25 -10.83 -15.50
CA ASP C 175 -10.21 -11.51 -16.25
C ASP C 175 -9.13 -10.55 -16.74
N ARG C 176 -9.53 -9.40 -17.29
CA ARG C 176 -8.54 -8.44 -17.77
C ARG C 176 -7.84 -7.74 -16.59
N LEU C 177 -8.57 -7.56 -15.50
CA LEU C 177 -7.98 -6.93 -14.31
C LEU C 177 -6.78 -7.74 -13.87
N LEU C 178 -6.88 -9.06 -13.98
CA LEU C 178 -5.78 -9.94 -13.59
C LEU C 178 -4.65 -9.96 -14.63
N VAL C 179 -5.00 -10.34 -15.85
CA VAL C 179 -4.05 -10.47 -16.95
C VAL C 179 -3.48 -9.17 -17.51
N GLU C 180 -4.28 -8.11 -17.52
CA GLU C 180 -3.79 -6.84 -18.08
C GLU C 180 -3.36 -5.79 -17.05
N LEU C 181 -3.72 -5.96 -15.78
CA LEU C 181 -3.33 -4.98 -14.76
C LEU C 181 -2.43 -5.56 -13.67
N GLU C 182 -2.98 -6.40 -12.80
CA GLU C 182 -2.22 -6.96 -11.69
C GLU C 182 -0.98 -7.78 -12.06
N GLN C 183 -1.10 -8.72 -12.99
CA GLN C 183 0.07 -9.52 -13.35
C GLN C 183 1.18 -8.68 -13.98
N PRO C 184 0.84 -7.78 -14.93
CA PRO C 184 1.93 -6.98 -15.51
C PRO C 184 2.54 -6.09 -14.42
N LEU C 185 1.68 -5.56 -13.55
CA LEU C 185 2.15 -4.70 -12.47
C LEU C 185 3.09 -5.45 -11.52
N SER C 186 2.83 -6.75 -11.34
CA SER C 186 3.65 -7.54 -10.44
C SER C 186 5.12 -7.52 -10.86
N SER C 187 5.36 -7.62 -12.16
CA SER C 187 6.72 -7.59 -12.71
C SER C 187 7.37 -6.23 -12.51
N ILE C 188 6.57 -5.17 -12.58
CA ILE C 188 7.08 -3.81 -12.41
C ILE C 188 7.46 -3.59 -10.94
N LEU C 189 6.65 -4.12 -10.03
CA LEU C 189 6.93 -3.97 -8.62
C LEU C 189 8.22 -4.73 -8.28
N ALA C 190 8.44 -5.86 -8.96
CA ALA C 190 9.64 -6.67 -8.75
C ALA C 190 10.90 -5.88 -9.11
N GLU C 191 10.86 -5.17 -10.24
CA GLU C 191 12.01 -4.39 -10.67
C GLU C 191 12.25 -3.24 -9.69
N MET C 192 11.15 -2.64 -9.22
CA MET C 192 11.23 -1.52 -8.28
C MET C 192 11.88 -1.96 -6.98
N GLU C 193 11.37 -3.06 -6.43
CA GLU C 193 11.88 -3.60 -5.18
C GLU C 193 13.35 -3.99 -5.33
N PHE C 194 13.67 -4.67 -6.44
CA PHE C 194 15.03 -5.11 -6.69
C PHE C 194 15.99 -3.94 -6.82
N ALA C 195 15.57 -2.89 -7.54
CA ALA C 195 16.40 -1.71 -7.72
C ALA C 195 16.68 -1.03 -6.40
N GLY C 196 15.65 -0.95 -5.55
CA GLY C 196 15.81 -0.33 -4.25
C GLY C 196 16.05 1.16 -4.32
N VAL C 197 16.11 1.80 -3.16
CA VAL C 197 16.35 3.23 -3.06
C VAL C 197 17.61 3.46 -2.25
N LYS C 198 18.51 4.28 -2.78
CA LYS C 198 19.77 4.58 -2.13
C LYS C 198 19.55 5.52 -0.94
N VAL C 199 20.22 5.24 0.16
CA VAL C 199 20.10 6.05 1.37
C VAL C 199 21.42 6.67 1.82
N ASP C 200 21.38 7.95 2.16
CA ASP C 200 22.56 8.67 2.64
C ASP C 200 22.58 8.38 4.14
N THR C 201 23.18 7.26 4.52
CA THR C 201 23.22 6.86 5.92
C THR C 201 23.91 7.84 6.85
N LYS C 202 24.97 8.49 6.38
CA LYS C 202 25.67 9.45 7.23
C LYS C 202 24.73 10.58 7.59
N ARG C 203 23.95 11.02 6.61
CA ARG C 203 22.97 12.08 6.83
C ARG C 203 21.98 11.60 7.87
N LEU C 204 21.53 10.37 7.71
CA LEU C 204 20.57 9.76 8.61
C LEU C 204 21.14 9.62 10.02
N GLU C 205 22.40 9.24 10.12
CA GLU C 205 23.06 9.07 11.41
C GLU C 205 23.22 10.39 12.14
N GLN C 206 23.50 11.46 11.41
CA GLN C 206 23.66 12.77 12.03
C GLN C 206 22.31 13.27 12.56
N MET C 207 21.25 13.09 11.79
CA MET C 207 19.93 13.50 12.25
C MET C 207 19.63 12.75 13.54
N GLY C 208 20.11 11.52 13.62
CA GLY C 208 19.91 10.70 14.80
C GLY C 208 20.59 11.32 16.02
N LYS C 209 21.76 11.91 15.82
CA LYS C 209 22.49 12.56 16.89
C LYS C 209 21.72 13.79 17.34
N GLU C 210 21.34 14.62 16.38
CA GLU C 210 20.58 15.83 16.66
C GLU C 210 19.31 15.50 17.45
N LEU C 211 18.57 14.49 17.00
CA LEU C 211 17.34 14.08 17.68
C LEU C 211 17.62 13.59 19.09
N ALA C 212 18.66 12.78 19.24
CA ALA C 212 19.01 12.25 20.55
C ALA C 212 19.35 13.38 21.52
N GLU C 213 19.98 14.42 21.01
CA GLU C 213 20.34 15.57 21.83
C GLU C 213 19.08 16.29 22.29
N GLN C 214 18.16 16.50 21.35
CA GLN C 214 16.89 17.18 21.65
C GLN C 214 15.98 16.35 22.53
N LEU C 215 15.97 15.03 22.33
CA LEU C 215 15.13 14.14 23.13
C LEU C 215 15.61 14.14 24.57
N GLY C 216 16.91 14.33 24.75
CA GLY C 216 17.48 14.35 26.10
C GLY C 216 17.04 15.61 26.82
N THR C 217 17.14 16.74 26.13
CA THR C 217 16.76 18.03 26.68
C THR C 217 15.28 18.04 27.08
N VAL C 218 14.41 17.66 26.15
CA VAL C 218 12.98 17.64 26.40
C VAL C 218 12.61 16.60 27.46
N GLU C 219 13.31 15.46 27.46
CA GLU C 219 13.03 14.42 28.43
C GLU C 219 13.28 14.90 29.85
N GLN C 220 14.34 15.68 30.03
CA GLN C 220 14.67 16.20 31.34
C GLN C 220 13.61 17.20 31.78
N ARG C 221 13.29 18.12 30.87
CA ARG C 221 12.29 19.15 31.13
C ARG C 221 11.00 18.51 31.63
N ILE C 222 10.57 17.46 30.97
CA ILE C 222 9.35 16.76 31.34
C ILE C 222 9.41 16.24 32.79
N TYR C 223 10.53 15.63 33.17
CA TYR C 223 10.67 15.12 34.53
C TYR C 223 10.72 16.29 35.51
N GLU C 224 11.33 17.38 35.07
CA GLU C 224 11.46 18.57 35.89
C GLU C 224 10.09 19.21 36.14
N LEU C 225 9.19 19.10 35.17
CA LEU C 225 7.85 19.66 35.29
C LEU C 225 6.88 18.71 35.97
N ALA C 226 7.19 17.43 35.92
CA ALA C 226 6.33 16.42 36.53
C ALA C 226 6.72 16.14 37.98
N GLY C 227 7.89 16.63 38.38
CA GLY C 227 8.35 16.42 39.74
C GLY C 227 8.76 14.98 39.99
N GLN C 228 9.24 14.30 38.95
CA GLN C 228 9.69 12.91 39.06
C GLN C 228 9.91 12.30 37.67
N GLU C 229 10.69 11.23 37.63
CA GLU C 229 10.98 10.55 36.38
C GLU C 229 9.98 9.40 36.15
N PHE C 230 9.61 9.20 34.89
CA PHE C 230 8.67 8.14 34.52
C PHE C 230 8.82 7.78 33.04
N ASN C 231 8.26 6.65 32.66
CA ASN C 231 8.34 6.23 31.26
C ASN C 231 7.34 7.05 30.46
N ILE C 232 7.82 8.09 29.80
CA ILE C 232 6.96 8.96 29.02
C ILE C 232 6.27 8.17 27.91
N ASN C 233 6.93 7.13 27.41
CA ASN C 233 6.37 6.31 26.34
C ASN C 233 5.34 5.30 26.82
N SER C 234 4.92 5.43 28.07
CA SER C 234 3.91 4.54 28.63
C SER C 234 2.61 5.28 28.91
N PRO C 235 1.63 5.16 27.99
CA PRO C 235 0.32 5.83 28.12
C PRO C 235 -0.30 5.62 29.50
N LYS C 236 0.00 4.48 30.10
CA LYS C 236 -0.51 4.14 31.42
C LYS C 236 0.14 5.02 32.49
N GLN C 237 1.46 5.02 32.53
CA GLN C 237 2.20 5.82 33.49
C GLN C 237 2.05 7.31 33.22
N LEU C 238 2.02 7.67 31.93
CA LEU C 238 1.88 9.06 31.53
C LEU C 238 0.51 9.55 32.00
N GLY C 239 -0.51 8.72 31.81
CA GLY C 239 -1.86 9.08 32.20
C GLY C 239 -2.03 9.34 33.69
N VAL C 240 -1.16 8.73 34.50
CA VAL C 240 -1.20 8.92 35.95
C VAL C 240 -0.56 10.25 36.30
N ILE C 241 0.54 10.56 35.62
CA ILE C 241 1.25 11.82 35.85
C ILE C 241 0.37 13.00 35.48
N LEU C 242 -0.33 12.88 34.35
CA LEU C 242 -1.18 13.96 33.88
C LEU C 242 -2.53 14.09 34.58
N PHE C 243 -3.28 13.00 34.64
CA PHE C 243 -4.61 13.04 35.23
C PHE C 243 -4.72 12.68 36.71
N GLU C 244 -3.59 12.40 37.36
CA GLU C 244 -3.61 12.07 38.78
C GLU C 244 -2.68 12.94 39.59
N LYS C 245 -1.42 13.04 39.17
CA LYS C 245 -0.45 13.87 39.90
C LYS C 245 -0.62 15.36 39.60
N LEU C 246 -0.86 15.69 38.33
CA LEU C 246 -1.02 17.08 37.93
C LEU C 246 -2.48 17.53 37.94
N GLN C 247 -3.40 16.59 38.10
CA GLN C 247 -4.82 16.91 38.16
C GLN C 247 -5.42 17.47 36.88
N LEU C 248 -4.77 17.26 35.74
CA LEU C 248 -5.30 17.78 34.48
C LEU C 248 -6.67 17.19 34.19
N PRO C 249 -7.52 17.93 33.44
CA PRO C 249 -8.86 17.46 33.09
C PRO C 249 -8.85 16.20 32.24
N VAL C 250 -9.85 15.35 32.45
CA VAL C 250 -9.99 14.12 31.68
C VAL C 250 -11.06 14.34 30.63
N LEU C 251 -10.64 14.63 29.40
CA LEU C 251 -11.58 14.88 28.33
C LEU C 251 -11.89 13.60 27.56
N LYS C 252 -10.88 12.74 27.42
CA LYS C 252 -11.04 11.48 26.72
C LYS C 252 -10.62 10.31 27.61
N LYS C 253 -11.47 9.30 27.68
CA LYS C 253 -11.20 8.12 28.50
C LYS C 253 -11.12 6.89 27.60
N THR C 254 -9.91 6.38 27.39
CA THR C 254 -9.68 5.22 26.54
C THR C 254 -10.33 3.96 27.13
N LYS C 255 -10.48 2.93 26.31
CA LYS C 255 -11.09 1.68 26.76
C LYS C 255 -10.33 1.03 27.91
N THR C 256 -9.02 1.26 27.98
CA THR C 256 -8.20 0.67 29.03
C THR C 256 -7.81 1.67 30.11
N GLY C 257 -8.03 2.96 29.85
CA GLY C 257 -7.69 3.98 30.82
C GLY C 257 -7.88 5.41 30.34
N TYR C 258 -6.85 6.23 30.51
CA TYR C 258 -6.90 7.63 30.10
C TYR C 258 -6.26 7.81 28.72
N SER C 259 -6.89 8.60 27.87
CA SER C 259 -6.36 8.86 26.54
C SER C 259 -5.25 9.90 26.64
N THR C 260 -4.11 9.62 26.00
CA THR C 260 -2.99 10.55 25.99
C THR C 260 -2.59 10.82 24.55
N SER C 261 -3.53 10.67 23.63
CA SER C 261 -3.28 10.90 22.22
C SER C 261 -3.09 12.39 21.91
N ALA C 262 -2.44 12.67 20.79
CA ALA C 262 -2.16 14.04 20.35
C ALA C 262 -3.37 14.96 20.42
N ASP C 263 -4.51 14.49 19.92
CA ASP C 263 -5.72 15.31 19.93
C ASP C 263 -6.14 15.72 21.33
N VAL C 264 -5.90 14.86 22.31
CA VAL C 264 -6.26 15.16 23.70
C VAL C 264 -5.26 16.12 24.34
N LEU C 265 -3.97 15.85 24.14
CA LEU C 265 -2.93 16.71 24.72
C LEU C 265 -3.00 18.14 24.20
N GLU C 266 -3.39 18.30 22.94
CA GLU C 266 -3.50 19.63 22.36
C GLU C 266 -4.54 20.45 23.12
N LYS C 267 -5.62 19.79 23.53
CA LYS C 267 -6.68 20.47 24.28
C LYS C 267 -6.23 20.78 25.70
N LEU C 268 -5.34 19.96 26.23
CA LEU C 268 -4.85 20.13 27.59
C LEU C 268 -3.64 21.06 27.66
N ALA C 269 -3.09 21.40 26.52
CA ALA C 269 -1.92 22.28 26.46
C ALA C 269 -2.00 23.53 27.33
N PRO C 270 -3.16 24.22 27.33
CA PRO C 270 -3.33 25.44 28.13
C PRO C 270 -3.18 25.27 29.64
N TYR C 271 -3.51 24.09 30.14
CA TYR C 271 -3.46 23.80 31.57
C TYR C 271 -2.08 23.66 32.20
N HIS C 272 -1.15 23.03 31.50
CA HIS C 272 0.17 22.82 32.05
C HIS C 272 1.25 22.84 30.98
N GLU C 273 2.42 23.35 31.35
CA GLU C 273 3.54 23.46 30.41
C GLU C 273 4.15 22.09 30.07
N ILE C 274 3.81 21.07 30.85
CA ILE C 274 4.34 19.74 30.60
C ILE C 274 3.79 19.16 29.30
N VAL C 275 2.55 19.51 28.98
CA VAL C 275 1.89 19.00 27.79
C VAL C 275 2.63 19.29 26.48
N GLU C 276 2.89 20.56 26.19
CA GLU C 276 3.59 20.90 24.97
C GLU C 276 4.89 20.10 24.87
N ASN C 277 5.53 19.89 26.02
CA ASN C 277 6.77 19.12 26.04
C ASN C 277 6.55 17.66 25.69
N ILE C 278 5.43 17.10 26.13
CA ILE C 278 5.12 15.71 25.82
C ILE C 278 4.85 15.58 24.33
N LEU C 279 4.11 16.53 23.77
CA LEU C 279 3.81 16.53 22.34
C LEU C 279 5.11 16.58 21.54
N HIS C 280 6.01 17.47 21.94
CA HIS C 280 7.29 17.62 21.25
C HIS C 280 8.09 16.34 21.38
N TYR C 281 8.06 15.76 22.58
CA TYR C 281 8.77 14.51 22.85
C TYR C 281 8.21 13.41 21.95
N ARG C 282 6.89 13.39 21.80
CA ARG C 282 6.21 12.40 20.96
C ARG C 282 6.71 12.52 19.52
N GLN C 283 6.79 13.75 19.03
CA GLN C 283 7.25 14.00 17.67
C GLN C 283 8.65 13.45 17.45
N LEU C 284 9.61 13.97 18.22
CA LEU C 284 10.99 13.56 18.12
C LEU C 284 11.16 12.06 18.28
N GLY C 285 10.54 11.50 19.32
CA GLY C 285 10.64 10.08 19.58
C GLY C 285 10.15 9.21 18.44
N LYS C 286 9.11 9.68 17.74
CA LYS C 286 8.55 8.96 16.61
C LYS C 286 9.54 8.96 15.46
N LEU C 287 10.14 10.13 15.22
CA LEU C 287 11.12 10.29 14.16
C LEU C 287 12.36 9.43 14.40
N GLN C 288 12.83 9.47 15.64
CA GLN C 288 14.02 8.72 16.03
C GLN C 288 13.82 7.20 15.98
N SER C 289 12.82 6.71 16.69
CA SER C 289 12.54 5.28 16.77
C SER C 289 12.07 4.61 15.49
N THR C 290 11.08 5.20 14.84
CA THR C 290 10.52 4.63 13.63
C THR C 290 11.25 4.92 12.33
N TYR C 291 11.75 6.14 12.17
CA TYR C 291 12.41 6.51 10.93
C TYR C 291 13.94 6.51 10.89
N ILE C 292 14.58 7.02 11.93
CA ILE C 292 16.04 7.03 11.96
C ILE C 292 16.56 5.62 12.25
N GLU C 293 16.27 5.13 13.45
CA GLU C 293 16.71 3.80 13.85
C GLU C 293 16.02 2.73 12.99
N GLY C 294 14.77 2.98 12.63
CA GLY C 294 14.04 2.04 11.81
C GLY C 294 14.67 1.79 10.46
N LEU C 295 14.93 2.87 9.72
CA LEU C 295 15.54 2.75 8.40
C LEU C 295 16.95 2.17 8.47
N LEU C 296 17.76 2.71 9.36
CA LEU C 296 19.13 2.26 9.53
C LEU C 296 19.24 0.75 9.75
N LYS C 297 18.22 0.16 10.35
CA LYS C 297 18.23 -1.28 10.58
C LYS C 297 18.06 -2.11 9.31
N VAL C 298 17.33 -1.60 8.32
CA VAL C 298 17.11 -2.36 7.10
C VAL C 298 17.93 -1.93 5.88
N VAL C 299 18.76 -0.91 6.03
CA VAL C 299 19.61 -0.49 4.92
C VAL C 299 20.66 -1.58 4.71
N ARG C 300 20.96 -1.90 3.45
CA ARG C 300 21.96 -2.93 3.14
C ARG C 300 23.35 -2.32 3.34
N PRO C 301 24.16 -2.93 4.23
CA PRO C 301 25.52 -2.49 4.55
C PRO C 301 26.40 -2.26 3.34
N ASP C 302 26.29 -3.12 2.33
CA ASP C 302 27.12 -2.99 1.15
C ASP C 302 26.70 -1.90 0.18
N THR C 303 25.44 -1.89 -0.23
CA THR C 303 24.95 -0.91 -1.20
C THR C 303 24.33 0.35 -0.62
N LYS C 304 24.01 0.34 0.68
CA LYS C 304 23.38 1.49 1.33
C LYS C 304 22.00 1.76 0.73
N LYS C 305 21.37 0.70 0.27
CA LYS C 305 20.03 0.80 -0.31
C LYS C 305 19.03 0.06 0.56
N VAL C 306 17.77 0.48 0.48
CA VAL C 306 16.71 -0.21 1.18
C VAL C 306 15.85 -0.81 0.09
N HIS C 307 15.43 -2.05 0.30
CA HIS C 307 14.60 -2.76 -0.67
C HIS C 307 13.27 -3.11 -0.01
N THR C 308 12.28 -2.26 -0.22
CA THR C 308 10.97 -2.52 0.36
C THR C 308 10.32 -3.68 -0.38
N ILE C 309 9.21 -4.17 0.19
CA ILE C 309 8.45 -5.23 -0.46
C ILE C 309 7.04 -4.66 -0.56
N PHE C 310 6.53 -4.55 -1.77
CA PHE C 310 5.18 -4.05 -1.99
C PHE C 310 4.22 -5.21 -1.94
N ASN C 311 3.39 -5.26 -0.90
CA ASN C 311 2.41 -6.32 -0.79
C ASN C 311 1.27 -5.94 -1.74
N GLN C 312 1.19 -6.64 -2.86
CA GLN C 312 0.17 -6.37 -3.87
C GLN C 312 -1.15 -7.10 -3.62
N ALA C 313 -1.20 -7.94 -2.58
CA ALA C 313 -2.42 -8.71 -2.31
C ALA C 313 -2.89 -8.62 -0.88
N LEU C 314 -3.00 -7.40 -0.35
CA LEU C 314 -3.42 -7.27 1.03
C LEU C 314 -4.57 -6.29 1.31
N THR C 315 -4.44 -5.04 0.85
CA THR C 315 -5.48 -4.06 1.13
C THR C 315 -6.84 -4.44 0.56
N GLN C 316 -7.89 -4.06 1.28
CA GLN C 316 -9.25 -4.38 0.89
C GLN C 316 -9.77 -3.51 -0.23
N THR C 317 -9.04 -2.44 -0.54
CA THR C 317 -9.46 -1.50 -1.57
C THR C 317 -8.68 -1.60 -2.89
N GLY C 318 -7.61 -2.37 -2.91
CA GLY C 318 -6.83 -2.51 -4.14
C GLY C 318 -5.54 -1.70 -4.12
N ARG C 319 -5.29 -1.00 -3.02
CA ARG C 319 -4.06 -0.23 -2.88
C ARG C 319 -2.94 -1.22 -2.58
N LEU C 320 -1.71 -0.73 -2.59
CA LEU C 320 -0.54 -1.54 -2.27
C LEU C 320 -0.21 -1.20 -0.82
N SER C 321 0.60 -2.03 -0.19
CA SER C 321 1.07 -1.71 1.16
C SER C 321 2.58 -1.86 0.99
N SER C 322 3.36 -1.32 1.91
CA SER C 322 4.81 -1.39 1.82
C SER C 322 5.41 -1.79 3.16
N THR C 323 6.42 -2.67 3.13
CA THR C 323 7.04 -3.13 4.38
C THR C 323 8.55 -3.32 4.32
N GLU C 324 9.15 -3.31 5.50
CA GLU C 324 10.57 -3.55 5.69
C GLU C 324 11.51 -2.96 4.64
N PRO C 325 11.50 -1.64 4.46
CA PRO C 325 10.82 -0.67 5.35
C PRO C 325 9.55 -0.23 4.64
N ASN C 326 8.67 0.44 5.38
CA ASN C 326 7.44 0.98 4.82
C ASN C 326 7.86 2.32 4.24
N LEU C 327 7.86 2.44 2.92
CA LEU C 327 8.25 3.68 2.28
C LEU C 327 7.04 4.45 1.78
N GLN C 328 5.87 4.14 2.32
CA GLN C 328 4.66 4.84 1.94
C GLN C 328 4.17 5.76 3.07
N ASN C 329 4.95 5.89 4.14
CA ASN C 329 4.56 6.78 5.22
C ASN C 329 5.75 7.60 5.74
N ILE C 330 6.67 7.94 4.84
CA ILE C 330 7.83 8.75 5.21
C ILE C 330 7.31 10.18 5.46
N PRO C 331 7.65 10.77 6.62
CA PRO C 331 7.22 12.12 7.00
C PRO C 331 7.31 13.20 5.93
N ILE C 332 6.37 14.14 5.97
CA ILE C 332 6.37 15.23 5.00
C ILE C 332 5.58 16.47 5.46
N ARG C 333 4.51 16.24 6.22
CA ARG C 333 3.67 17.34 6.69
C ARG C 333 4.38 18.32 7.63
N LEU C 334 5.17 17.80 8.56
CA LEU C 334 5.91 18.63 9.49
C LEU C 334 7.34 18.75 8.96
N GLU C 335 7.89 19.96 9.00
CA GLU C 335 9.23 20.21 8.50
C GLU C 335 10.33 19.36 9.13
N GLU C 336 10.29 19.20 10.45
CA GLU C 336 11.30 18.42 11.16
C GLU C 336 11.39 17.01 10.62
N GLY C 337 10.23 16.37 10.45
CA GLY C 337 10.22 15.01 9.94
C GLY C 337 10.47 14.95 8.45
N ARG C 338 9.97 15.96 7.74
CA ARG C 338 10.14 16.03 6.29
C ARG C 338 11.61 15.94 5.92
N LYS C 339 12.47 16.45 6.80
CA LYS C 339 13.91 16.44 6.59
C LYS C 339 14.43 15.02 6.35
N ILE C 340 13.71 14.02 6.85
CA ILE C 340 14.10 12.63 6.67
C ILE C 340 14.33 12.31 5.20
N ARG C 341 13.48 12.88 4.35
CA ARG C 341 13.56 12.62 2.91
C ARG C 341 14.86 13.05 2.26
N GLN C 342 15.63 13.90 2.93
CA GLN C 342 16.91 14.34 2.38
C GLN C 342 17.87 13.15 2.36
N ALA C 343 17.55 12.11 3.13
CA ALA C 343 18.39 10.93 3.19
C ALA C 343 18.14 9.97 2.04
N PHE C 344 17.08 10.18 1.28
CA PHE C 344 16.79 9.31 0.14
C PHE C 344 17.35 10.01 -1.08
N VAL C 345 18.39 9.42 -1.64
CA VAL C 345 19.10 10.03 -2.76
C VAL C 345 19.14 9.12 -4.00
N PRO C 346 19.55 9.68 -5.16
CA PRO C 346 19.64 8.89 -6.40
C PRO C 346 20.71 7.80 -6.23
N SER C 347 20.54 6.68 -6.94
CA SER C 347 21.50 5.58 -6.84
C SER C 347 22.77 5.76 -7.68
N GLU C 348 22.81 6.81 -8.50
CA GLU C 348 23.98 7.04 -9.32
C GLU C 348 24.37 8.50 -9.37
N SER C 349 25.62 8.74 -9.73
CA SER C 349 26.16 10.10 -9.81
C SER C 349 25.44 10.85 -10.93
N ASP C 350 25.13 12.12 -10.67
CA ASP C 350 24.48 12.96 -11.68
C ASP C 350 23.06 12.53 -12.04
N TRP C 351 22.40 11.85 -11.11
CA TRP C 351 21.01 11.43 -11.32
C TRP C 351 20.19 12.28 -10.37
N LEU C 352 18.89 12.36 -10.61
CA LEU C 352 18.01 13.17 -9.77
C LEU C 352 16.72 12.41 -9.43
N ILE C 353 16.10 12.76 -8.31
CA ILE C 353 14.84 12.15 -7.92
C ILE C 353 13.72 12.95 -8.59
N PHE C 354 12.76 12.25 -9.20
CA PHE C 354 11.63 12.90 -9.88
C PHE C 354 10.33 12.33 -9.30
N ALA C 355 9.47 13.22 -8.80
CA ALA C 355 8.19 12.81 -8.20
C ALA C 355 7.00 13.50 -8.85
N ALA C 356 6.00 12.71 -9.21
CA ALA C 356 4.78 13.21 -9.85
C ALA C 356 3.57 12.71 -9.07
N ASP C 357 2.66 13.61 -8.71
CA ASP C 357 1.49 13.23 -7.94
C ASP C 357 0.17 13.72 -8.52
N TYR C 358 -0.86 12.91 -8.39
CA TYR C 358 -2.18 13.29 -8.86
C TYR C 358 -2.71 14.36 -7.92
N SER C 359 -3.36 15.37 -8.47
CA SER C 359 -3.93 16.40 -7.63
C SER C 359 -5.40 16.07 -7.39
N GLN C 360 -5.72 15.78 -6.12
CA GLN C 360 -7.10 15.47 -5.74
C GLN C 360 -7.74 14.36 -6.56
N ILE C 361 -7.02 13.26 -6.79
CA ILE C 361 -7.61 12.19 -7.60
C ILE C 361 -8.88 11.58 -6.99
N GLU C 362 -8.95 11.46 -5.67
CA GLU C 362 -10.16 10.85 -5.07
C GLU C 362 -11.41 11.72 -5.26
N LEU C 363 -11.30 13.02 -5.07
CA LEU C 363 -12.47 13.88 -5.27
C LEU C 363 -12.83 13.95 -6.76
N ARG C 364 -11.81 13.89 -7.63
CA ARG C 364 -12.05 13.91 -9.07
C ARG C 364 -12.78 12.62 -9.49
N VAL C 365 -12.37 11.50 -8.90
CA VAL C 365 -13.01 10.22 -9.19
C VAL C 365 -14.46 10.27 -8.69
N LEU C 366 -14.66 10.89 -7.53
CA LEU C 366 -16.00 11.01 -6.95
C LEU C 366 -16.89 11.82 -7.91
N ALA C 367 -16.35 12.93 -8.42
CA ALA C 367 -17.09 13.78 -9.33
C ALA C 367 -17.49 12.95 -10.53
N HIS C 368 -16.56 12.14 -11.03
CA HIS C 368 -16.82 11.28 -12.17
C HIS C 368 -17.91 10.24 -11.91
N ILE C 369 -17.73 9.48 -10.82
CA ILE C 369 -18.67 8.42 -10.46
C ILE C 369 -20.07 8.90 -10.08
N ALA C 370 -20.14 9.98 -9.30
CA ALA C 370 -21.41 10.53 -8.85
C ALA C 370 -22.07 11.37 -9.96
N GLU C 371 -21.23 11.86 -10.87
CA GLU C 371 -21.70 12.71 -11.96
C GLU C 371 -22.39 13.93 -11.38
N ASP C 372 -21.74 14.51 -10.37
CA ASP C 372 -22.26 15.69 -9.72
C ASP C 372 -21.87 16.87 -10.60
N ASP C 373 -22.87 17.60 -11.09
CA ASP C 373 -22.62 18.75 -11.97
C ASP C 373 -21.74 19.83 -11.34
N ASN C 374 -22.04 20.18 -10.10
CA ASN C 374 -21.31 21.22 -9.40
C ASN C 374 -19.87 20.80 -9.18
N LEU C 375 -19.66 19.57 -8.72
CA LEU C 375 -18.30 19.08 -8.48
C LEU C 375 -17.53 18.87 -9.78
N MET C 376 -18.20 18.45 -10.85
CA MET C 376 -17.50 18.25 -12.12
C MET C 376 -17.08 19.61 -12.68
N GLU C 377 -17.96 20.59 -12.58
CA GLU C 377 -17.67 21.94 -13.07
C GLU C 377 -16.48 22.51 -12.29
N ALA C 378 -16.47 22.26 -10.99
CA ALA C 378 -15.38 22.75 -10.13
C ALA C 378 -14.02 22.27 -10.62
N PHE C 379 -13.93 20.99 -10.96
CA PHE C 379 -12.66 20.45 -11.43
C PHE C 379 -12.38 20.84 -12.88
N ARG C 380 -13.44 21.08 -13.64
CA ARG C 380 -13.29 21.50 -15.03
C ARG C 380 -12.69 22.91 -15.06
N ARG C 381 -12.92 23.66 -13.97
CA ARG C 381 -12.36 25.01 -13.82
C ARG C 381 -11.06 24.94 -13.03
N ASP C 382 -10.65 23.72 -12.64
CA ASP C 382 -9.45 23.50 -11.85
C ASP C 382 -9.45 24.42 -10.62
N LEU C 383 -10.60 24.48 -9.97
CA LEU C 383 -10.79 25.32 -8.77
C LEU C 383 -10.11 24.73 -7.55
N ASP C 384 -9.78 25.59 -6.58
CA ASP C 384 -9.21 25.11 -5.34
C ASP C 384 -10.46 24.48 -4.71
N ILE C 385 -10.52 23.15 -4.73
CA ILE C 385 -11.69 22.44 -4.24
C ILE C 385 -12.12 22.74 -2.80
N HIS C 386 -11.18 22.97 -1.90
CA HIS C 386 -11.56 23.26 -0.52
C HIS C 386 -12.14 24.66 -0.37
N THR C 387 -11.61 25.61 -1.12
CA THR C 387 -12.12 26.97 -1.08
C THR C 387 -13.53 26.94 -1.71
N LYS C 388 -13.68 26.18 -2.79
CA LYS C 388 -14.96 26.05 -3.46
C LYS C 388 -16.03 25.41 -2.56
N THR C 389 -15.66 24.37 -1.83
CA THR C 389 -16.61 23.70 -0.94
C THR C 389 -17.04 24.65 0.20
N ALA C 390 -16.11 25.46 0.70
CA ALA C 390 -16.41 26.41 1.77
C ALA C 390 -17.42 27.44 1.25
N MET C 391 -17.16 27.96 0.05
CA MET C 391 -18.04 28.94 -0.57
C MET C 391 -19.48 28.43 -0.63
N ASP C 392 -19.64 27.17 -1.02
CA ASP C 392 -20.96 26.58 -1.13
C ASP C 392 -21.66 26.24 0.18
N ILE C 393 -21.00 25.48 1.06
CA ILE C 393 -21.65 25.11 2.32
C ILE C 393 -21.83 26.28 3.26
N PHE C 394 -21.02 27.32 3.11
CA PHE C 394 -21.16 28.49 3.99
C PHE C 394 -21.85 29.65 3.25
N GLN C 395 -22.13 29.45 1.97
CA GLN C 395 -22.81 30.44 1.15
C GLN C 395 -22.14 31.82 1.11
N VAL C 396 -20.89 31.85 0.69
CA VAL C 396 -20.16 33.11 0.60
C VAL C 396 -19.33 33.13 -0.68
N SER C 397 -18.85 34.32 -1.06
CA SER C 397 -18.04 34.48 -2.25
C SER C 397 -16.61 34.06 -1.93
N GLU C 398 -15.81 33.79 -2.95
CA GLU C 398 -14.44 33.38 -2.75
C GLU C 398 -13.67 34.35 -1.84
N ASP C 399 -13.99 35.64 -1.98
CA ASP C 399 -13.35 36.68 -1.18
C ASP C 399 -13.69 36.58 0.31
N GLU C 400 -14.89 36.07 0.61
CA GLU C 400 -15.35 35.95 1.99
C GLU C 400 -14.94 34.65 2.67
N VAL C 401 -14.18 33.80 1.98
CA VAL C 401 -13.76 32.55 2.59
C VAL C 401 -12.54 32.80 3.49
N THR C 402 -12.74 32.61 4.78
CA THR C 402 -11.66 32.83 5.73
C THR C 402 -10.83 31.56 5.87
N PRO C 403 -9.63 31.67 6.44
CA PRO C 403 -8.78 30.48 6.60
C PRO C 403 -9.48 29.40 7.41
N ASN C 404 -10.24 29.79 8.43
CA ASN C 404 -10.92 28.80 9.26
C ASN C 404 -12.03 28.08 8.51
N MET C 405 -12.67 28.80 7.59
CA MET C 405 -13.74 28.22 6.78
C MET C 405 -13.15 27.16 5.84
N ARG C 406 -12.03 27.46 5.19
CA ARG C 406 -11.40 26.51 4.27
C ARG C 406 -10.99 25.26 5.02
N ARG C 407 -10.42 25.45 6.21
CA ARG C 407 -9.98 24.33 7.01
C ARG C 407 -11.14 23.37 7.27
N GLN C 408 -12.28 23.92 7.65
CA GLN C 408 -13.44 23.09 7.92
C GLN C 408 -14.04 22.45 6.67
N ALA C 409 -14.05 23.16 5.55
CA ALA C 409 -14.59 22.61 4.30
C ALA C 409 -13.68 21.47 3.86
N LYS C 410 -12.39 21.63 4.13
CA LYS C 410 -11.40 20.62 3.81
C LYS C 410 -11.69 19.34 4.63
N ALA C 411 -11.98 19.51 5.91
CA ALA C 411 -12.28 18.36 6.78
C ALA C 411 -13.56 17.69 6.30
N VAL C 412 -14.50 18.49 5.80
CA VAL C 412 -15.75 17.94 5.28
C VAL C 412 -15.44 17.12 4.04
N ASN C 413 -14.55 17.61 3.20
CA ASN C 413 -14.21 16.88 1.98
C ASN C 413 -13.60 15.51 2.26
N PHE C 414 -12.73 15.43 3.25
CA PHE C 414 -12.13 14.13 3.61
C PHE C 414 -13.20 13.18 4.15
N GLY C 415 -14.16 13.72 4.89
CA GLY C 415 -15.21 12.88 5.44
C GLY C 415 -16.12 12.33 4.36
N ILE C 416 -16.33 13.12 3.31
CA ILE C 416 -17.19 12.69 2.20
C ILE C 416 -16.56 11.51 1.46
N VAL C 417 -15.25 11.58 1.24
CA VAL C 417 -14.54 10.50 0.55
C VAL C 417 -14.43 9.24 1.43
N TYR C 418 -14.23 9.43 2.73
CA TYR C 418 -14.10 8.32 3.68
C TYR C 418 -15.42 7.64 4.02
N GLY C 419 -16.53 8.31 3.72
CA GLY C 419 -17.83 7.77 4.07
C GLY C 419 -18.27 8.66 5.21
N ILE C 420 -19.08 9.66 4.89
CA ILE C 420 -19.55 10.64 5.87
C ILE C 420 -20.12 10.08 7.17
N SER C 421 -20.02 10.87 8.22
CA SER C 421 -20.52 10.52 9.56
C SER C 421 -20.49 11.77 10.43
N ASP C 422 -21.62 12.14 11.03
CA ASP C 422 -21.63 13.34 11.86
C ASP C 422 -20.68 13.22 13.06
N TYR C 423 -20.69 12.07 13.72
CA TYR C 423 -19.81 11.84 14.86
C TYR C 423 -18.35 11.89 14.41
N GLY C 424 -18.04 11.24 13.30
CA GLY C 424 -16.68 11.24 12.80
C GLY C 424 -16.16 12.63 12.45
N LEU C 425 -17.00 13.42 11.80
CA LEU C 425 -16.61 14.78 11.42
C LEU C 425 -16.54 15.65 12.67
N ALA C 426 -17.51 15.49 13.56
CA ALA C 426 -17.56 16.26 14.81
C ALA C 426 -16.29 16.04 15.62
N GLN C 427 -15.85 14.79 15.65
CA GLN C 427 -14.65 14.39 16.37
C GLN C 427 -13.41 15.04 15.76
N ASN C 428 -13.38 15.06 14.44
CA ASN C 428 -12.26 15.63 13.71
C ASN C 428 -12.16 17.15 13.82
N LEU C 429 -13.30 17.83 13.71
CA LEU C 429 -13.31 19.29 13.80
C LEU C 429 -13.55 19.78 15.21
N ASN C 430 -13.65 18.85 16.15
CA ASN C 430 -13.87 19.20 17.55
C ASN C 430 -15.07 20.13 17.70
N ILE C 431 -16.21 19.70 17.20
CA ILE C 431 -17.46 20.45 17.29
C ILE C 431 -18.54 19.46 17.70
N SER C 432 -19.78 19.90 17.87
CA SER C 432 -20.84 19.00 18.27
C SER C 432 -21.33 18.14 17.11
N ARG C 433 -21.97 17.04 17.44
CA ARG C 433 -22.52 16.11 16.47
C ARG C 433 -23.52 16.85 15.59
N LYS C 434 -24.39 17.65 16.22
CA LYS C 434 -25.39 18.41 15.48
C LYS C 434 -24.76 19.38 14.48
N GLU C 435 -23.76 20.13 14.93
CA GLU C 435 -23.07 21.10 14.09
C GLU C 435 -22.41 20.42 12.88
N ALA C 436 -21.91 19.21 13.10
CA ALA C 436 -21.26 18.46 12.02
C ALA C 436 -22.33 18.01 11.03
N ALA C 437 -23.47 17.59 11.56
CA ALA C 437 -24.59 17.14 10.75
C ALA C 437 -25.09 18.28 9.87
N GLU C 438 -25.07 19.51 10.41
CA GLU C 438 -25.50 20.67 9.64
C GLU C 438 -24.55 20.92 8.47
N PHE C 439 -23.24 20.74 8.69
CA PHE C 439 -22.26 20.93 7.63
C PHE C 439 -22.52 19.95 6.50
N ILE C 440 -22.71 18.69 6.87
CA ILE C 440 -22.97 17.62 5.92
C ILE C 440 -24.24 17.87 5.12
N GLU C 441 -25.29 18.33 5.79
CA GLU C 441 -26.54 18.63 5.10
C GLU C 441 -26.28 19.76 4.12
N ARG C 442 -25.49 20.75 4.54
CA ARG C 442 -25.17 21.87 3.68
C ARG C 442 -24.39 21.35 2.47
N TYR C 443 -23.48 20.43 2.70
CA TYR C 443 -22.68 19.86 1.61
C TYR C 443 -23.55 19.14 0.59
N PHE C 444 -24.49 18.32 1.06
CA PHE C 444 -25.34 17.59 0.12
C PHE C 444 -26.28 18.49 -0.67
N GLU C 445 -26.62 19.65 -0.12
CA GLU C 445 -27.49 20.60 -0.82
C GLU C 445 -26.72 21.20 -1.99
N SER C 446 -25.42 21.39 -1.81
CA SER C 446 -24.58 21.97 -2.85
C SER C 446 -24.09 20.92 -3.85
N PHE C 447 -24.05 19.65 -3.42
CA PHE C 447 -23.61 18.56 -4.28
C PHE C 447 -24.64 17.42 -4.22
N PRO C 448 -25.83 17.66 -4.78
CA PRO C 448 -26.91 16.66 -4.78
C PRO C 448 -26.53 15.36 -5.46
N GLY C 449 -25.64 15.45 -6.46
CA GLY C 449 -25.19 14.26 -7.17
C GLY C 449 -24.40 13.35 -6.24
N VAL C 450 -23.57 13.94 -5.38
CA VAL C 450 -22.77 13.16 -4.44
C VAL C 450 -23.72 12.49 -3.45
N LYS C 451 -24.77 13.21 -3.04
CA LYS C 451 -25.74 12.63 -2.12
C LYS C 451 -26.42 11.42 -2.78
N ARG C 452 -26.85 11.59 -4.03
CA ARG C 452 -27.48 10.50 -4.75
C ARG C 452 -26.56 9.28 -4.79
N TYR C 453 -25.29 9.51 -5.11
CA TYR C 453 -24.30 8.43 -5.18
C TYR C 453 -24.16 7.68 -3.85
N MET C 454 -24.04 8.42 -2.76
CA MET C 454 -23.89 7.81 -1.44
C MET C 454 -25.08 6.92 -1.11
N GLU C 455 -26.28 7.37 -1.46
CA GLU C 455 -27.49 6.59 -1.21
C GLU C 455 -27.53 5.38 -2.13
N ASN C 456 -27.30 5.63 -3.42
CA ASN C 456 -27.33 4.55 -4.40
C ASN C 456 -26.28 3.46 -4.18
N ILE C 457 -25.05 3.87 -3.87
CA ILE C 457 -23.98 2.88 -3.67
C ILE C 457 -24.30 1.95 -2.49
N VAL C 458 -24.91 2.49 -1.44
CA VAL C 458 -25.27 1.68 -0.27
C VAL C 458 -26.35 0.66 -0.63
N GLN C 459 -27.32 1.10 -1.41
CA GLN C 459 -28.40 0.22 -1.81
C GLN C 459 -27.88 -0.84 -2.77
N GLU C 460 -26.92 -0.45 -3.60
CA GLU C 460 -26.35 -1.38 -4.56
C GLU C 460 -25.53 -2.45 -3.83
N ALA C 461 -24.81 -2.04 -2.80
CA ALA C 461 -24.00 -2.98 -2.02
C ALA C 461 -24.93 -3.97 -1.34
N LYS C 462 -26.09 -3.47 -0.93
CA LYS C 462 -27.08 -4.30 -0.26
C LYS C 462 -27.68 -5.31 -1.23
N GLN C 463 -28.02 -4.84 -2.42
CA GLN C 463 -28.61 -5.69 -3.43
C GLN C 463 -27.64 -6.76 -3.97
N LYS C 464 -26.48 -6.32 -4.44
CA LYS C 464 -25.49 -7.24 -5.00
C LYS C 464 -24.63 -7.96 -3.97
N GLY C 465 -24.41 -7.33 -2.83
CA GLY C 465 -23.58 -7.95 -1.81
C GLY C 465 -22.14 -7.43 -1.85
N TYR C 466 -21.86 -6.56 -2.83
CA TYR C 466 -20.52 -5.99 -3.00
C TYR C 466 -20.56 -4.70 -3.81
N VAL C 467 -19.42 -4.02 -3.86
CA VAL C 467 -19.27 -2.80 -4.64
C VAL C 467 -18.05 -3.00 -5.51
N THR C 468 -17.95 -2.23 -6.58
CA THR C 468 -16.84 -2.38 -7.52
C THR C 468 -16.18 -1.05 -7.88
N THR C 469 -14.98 -1.15 -8.43
CA THR C 469 -14.21 0.02 -8.84
C THR C 469 -14.27 0.12 -10.37
N LEU C 470 -13.70 1.20 -10.90
CA LEU C 470 -13.67 1.46 -12.34
C LEU C 470 -13.17 0.27 -13.16
N LEU C 471 -12.10 -0.38 -12.71
CA LEU C 471 -11.57 -1.51 -13.47
C LEU C 471 -12.10 -2.87 -13.00
N HIS C 472 -13.22 -2.84 -12.29
CA HIS C 472 -13.94 -4.04 -11.83
C HIS C 472 -13.41 -4.81 -10.63
N ARG C 473 -12.64 -4.12 -9.78
CA ARG C 473 -12.13 -4.73 -8.56
C ARG C 473 -13.36 -4.76 -7.66
N ARG C 474 -13.47 -5.75 -6.78
CA ARG C 474 -14.63 -5.76 -5.91
C ARG C 474 -14.30 -6.03 -4.46
N ARG C 475 -15.24 -5.65 -3.60
CA ARG C 475 -15.13 -5.84 -2.18
C ARG C 475 -16.49 -6.26 -1.65
N TYR C 476 -16.56 -7.46 -1.08
CA TYR C 476 -17.82 -7.95 -0.53
C TYR C 476 -18.12 -7.24 0.78
N LEU C 477 -19.38 -6.88 1.01
CA LEU C 477 -19.74 -6.18 2.24
C LEU C 477 -20.92 -6.83 2.96
N PRO C 478 -20.71 -8.01 3.53
CA PRO C 478 -21.78 -8.72 4.24
C PRO C 478 -22.39 -7.93 5.41
N ASP C 479 -21.59 -7.12 6.09
CA ASP C 479 -22.09 -6.34 7.23
C ASP C 479 -23.09 -5.26 6.85
N ILE C 480 -23.24 -5.00 5.56
CA ILE C 480 -24.17 -3.98 5.09
C ILE C 480 -25.60 -4.29 5.56
N THR C 481 -25.88 -5.55 5.89
CA THR C 481 -27.23 -5.93 6.32
C THR C 481 -27.33 -6.27 7.80
N SER C 482 -26.26 -6.06 8.56
CA SER C 482 -26.27 -6.36 9.98
C SER C 482 -27.31 -5.51 10.72
N ARG C 483 -27.90 -6.06 11.79
CA ARG C 483 -28.88 -5.32 12.56
C ARG C 483 -28.20 -4.49 13.64
N ASN C 484 -26.89 -4.59 13.71
CA ASN C 484 -26.11 -3.82 14.68
C ASN C 484 -25.74 -2.53 13.95
N PHE C 485 -26.23 -1.41 14.46
CA PHE C 485 -25.99 -0.09 13.86
C PHE C 485 -24.53 0.23 13.57
N ASN C 486 -23.68 0.07 14.58
CA ASN C 486 -22.26 0.37 14.41
C ASN C 486 -21.62 -0.51 13.34
N VAL C 487 -21.91 -1.80 13.38
CA VAL C 487 -21.35 -2.73 12.39
C VAL C 487 -21.81 -2.35 11.00
N ARG C 488 -23.11 -2.10 10.85
CA ARG C 488 -23.68 -1.74 9.56
C ARG C 488 -23.19 -0.39 9.03
N SER C 489 -23.05 0.59 9.91
CA SER C 489 -22.59 1.92 9.51
C SER C 489 -21.18 1.88 8.95
N PHE C 490 -20.35 1.00 9.51
CA PHE C 490 -18.98 0.87 9.04
C PHE C 490 -19.02 0.30 7.62
N ALA C 491 -19.88 -0.70 7.40
CA ALA C 491 -20.00 -1.31 6.09
C ALA C 491 -20.53 -0.30 5.06
N GLU C 492 -21.42 0.59 5.50
CA GLU C 492 -21.96 1.59 4.58
C GLU C 492 -20.85 2.59 4.19
N ARG C 493 -19.98 2.95 5.14
CA ARG C 493 -18.89 3.86 4.81
C ARG C 493 -17.96 3.19 3.82
N MET C 494 -17.71 1.90 4.04
CA MET C 494 -16.85 1.14 3.14
C MET C 494 -17.46 1.12 1.74
N ALA C 495 -18.80 1.08 1.69
CA ALA C 495 -19.48 1.07 0.41
C ALA C 495 -19.25 2.37 -0.35
N MET C 496 -19.26 3.47 0.38
CA MET C 496 -19.06 4.79 -0.21
C MET C 496 -17.59 5.05 -0.55
N ASN C 497 -16.69 4.60 0.33
CA ASN C 497 -15.26 4.83 0.14
C ASN C 497 -14.52 3.90 -0.82
N THR C 498 -14.81 2.61 -0.79
CA THR C 498 -14.10 1.67 -1.65
C THR C 498 -14.07 1.98 -3.15
N PRO C 499 -15.22 2.36 -3.74
CA PRO C 499 -15.24 2.67 -5.18
C PRO C 499 -14.35 3.87 -5.51
N ILE C 500 -14.17 4.76 -4.53
CA ILE C 500 -13.34 5.94 -4.73
C ILE C 500 -11.85 5.63 -4.53
N GLN C 501 -11.49 5.15 -3.35
CA GLN C 501 -10.09 4.81 -3.07
C GLN C 501 -9.66 3.70 -4.05
N GLY C 502 -10.54 2.73 -4.25
CA GLY C 502 -10.25 1.63 -5.14
C GLY C 502 -10.02 2.04 -6.58
N SER C 503 -10.87 2.92 -7.10
CA SER C 503 -10.70 3.39 -8.47
C SER C 503 -9.42 4.21 -8.63
N ALA C 504 -9.10 5.01 -7.63
CA ALA C 504 -7.87 5.80 -7.68
C ALA C 504 -6.69 4.82 -7.70
N ALA C 505 -6.87 3.67 -7.07
CA ALA C 505 -5.82 2.65 -7.04
C ALA C 505 -5.66 2.04 -8.42
N ASP C 506 -6.79 1.73 -9.06
CA ASP C 506 -6.77 1.14 -10.40
C ASP C 506 -6.06 2.07 -11.37
N ILE C 507 -6.38 3.36 -11.27
CA ILE C 507 -5.80 4.35 -12.18
C ILE C 507 -4.30 4.47 -12.09
N ILE C 508 -3.77 4.67 -10.89
CA ILE C 508 -2.32 4.81 -10.76
C ILE C 508 -1.58 3.52 -11.12
N LYS C 509 -2.23 2.38 -10.89
CA LYS C 509 -1.62 1.10 -11.25
C LYS C 509 -1.50 1.01 -12.77
N LYS C 510 -2.55 1.42 -13.48
CA LYS C 510 -2.50 1.39 -14.93
C LYS C 510 -1.46 2.40 -15.43
N ALA C 511 -1.39 3.55 -14.77
CA ALA C 511 -0.42 4.57 -15.16
C ALA C 511 1.00 4.01 -15.02
N MET C 512 1.23 3.19 -13.99
CA MET C 512 2.55 2.59 -13.79
C MET C 512 2.90 1.69 -14.96
N ILE C 513 1.92 0.91 -15.41
CA ILE C 513 2.11 0.00 -16.54
C ILE C 513 2.37 0.80 -17.82
N ASP C 514 1.55 1.80 -18.07
CA ASP C 514 1.70 2.64 -19.26
C ASP C 514 3.03 3.37 -19.25
N LEU C 515 3.41 3.89 -18.09
CA LEU C 515 4.67 4.63 -17.96
C LEU C 515 5.88 3.75 -18.27
N ASN C 516 5.90 2.53 -17.74
CA ASN C 516 7.02 1.65 -18.00
C ASN C 516 7.16 1.30 -19.47
N ALA C 517 6.03 1.19 -20.15
CA ALA C 517 6.05 0.89 -21.57
C ALA C 517 6.60 2.11 -22.31
N ARG C 518 6.22 3.31 -21.89
CA ARG C 518 6.70 4.52 -22.54
C ARG C 518 8.20 4.74 -22.33
N LEU C 519 8.67 4.49 -21.11
CA LEU C 519 10.08 4.65 -20.79
C LEU C 519 10.94 3.71 -21.63
N LYS C 520 10.48 2.48 -21.82
CA LYS C 520 11.22 1.49 -22.62
C LYS C 520 11.26 1.96 -24.08
N GLU C 521 10.10 2.37 -24.59
CA GLU C 521 9.98 2.88 -25.95
C GLU C 521 10.94 4.02 -26.22
N GLU C 522 11.03 4.95 -25.26
CA GLU C 522 11.90 6.11 -25.39
C GLU C 522 13.35 5.78 -25.02
N ARG C 523 13.59 4.54 -24.62
CA ARG C 523 14.91 4.08 -24.21
C ARG C 523 15.52 4.98 -23.14
N LEU C 524 14.69 5.48 -22.24
CA LEU C 524 15.18 6.33 -21.15
C LEU C 524 15.70 5.44 -20.03
N GLN C 525 16.70 5.92 -19.30
CA GLN C 525 17.28 5.15 -18.20
C GLN C 525 16.44 5.36 -16.93
N ALA C 526 15.55 6.33 -16.97
CA ALA C 526 14.69 6.62 -15.84
C ALA C 526 13.88 5.39 -15.46
N HIS C 527 13.69 5.17 -14.17
CA HIS C 527 12.89 4.04 -13.72
C HIS C 527 12.16 4.33 -12.43
N LEU C 528 11.07 3.60 -12.23
CA LEU C 528 10.26 3.75 -11.05
C LEU C 528 11.00 3.24 -9.82
N LEU C 529 10.80 3.94 -8.71
CA LEU C 529 11.42 3.54 -7.45
C LEU C 529 10.29 3.22 -6.47
N LEU C 530 9.34 4.14 -6.35
CA LEU C 530 8.24 3.95 -5.41
C LEU C 530 6.89 4.47 -5.90
N GLN C 531 5.85 4.00 -5.22
CA GLN C 531 4.49 4.43 -5.48
C GLN C 531 3.93 4.70 -4.09
N VAL C 532 3.32 5.85 -3.90
CA VAL C 532 2.74 6.18 -2.61
C VAL C 532 1.26 6.55 -2.74
N HIS C 533 0.48 5.59 -3.24
CA HIS C 533 -0.97 5.74 -3.42
C HIS C 533 -1.42 6.71 -4.51
N ASP C 534 -0.97 7.96 -4.42
CA ASP C 534 -1.36 8.96 -5.40
C ASP C 534 -0.17 9.56 -6.13
N GLU C 535 1.01 9.00 -5.92
CA GLU C 535 2.20 9.55 -6.57
C GLU C 535 3.21 8.49 -6.95
N LEU C 536 4.04 8.84 -7.93
CA LEU C 536 5.07 7.97 -8.43
C LEU C 536 6.43 8.64 -8.25
N ILE C 537 7.39 7.92 -7.68
CA ILE C 537 8.73 8.45 -7.46
C ILE C 537 9.68 7.70 -8.37
N LEU C 538 10.43 8.44 -9.17
CA LEU C 538 11.41 7.86 -10.08
C LEU C 538 12.77 8.49 -9.85
N GLU C 539 13.81 7.93 -10.48
CA GLU C 539 15.14 8.49 -10.39
C GLU C 539 15.67 8.38 -11.81
N ALA C 540 16.52 9.33 -12.22
CA ALA C 540 17.04 9.30 -13.58
C ALA C 540 18.17 10.28 -13.81
N PRO C 541 18.90 10.11 -14.93
CA PRO C 541 20.01 10.99 -15.28
C PRO C 541 19.48 12.42 -15.32
N LYS C 542 20.26 13.37 -14.84
CA LYS C 542 19.83 14.76 -14.85
C LYS C 542 19.43 15.20 -16.25
N GLU C 543 20.06 14.63 -17.28
CA GLU C 543 19.77 15.01 -18.65
C GLU C 543 18.42 14.49 -19.16
N GLU C 544 17.70 13.73 -18.33
CA GLU C 544 16.39 13.21 -18.74
C GLU C 544 15.22 13.96 -18.11
N MET C 545 15.51 14.90 -17.21
CA MET C 545 14.47 15.67 -16.54
C MET C 545 13.47 16.37 -17.46
N GLU C 546 13.95 17.13 -18.43
CA GLU C 546 13.06 17.84 -19.34
C GLU C 546 12.08 16.92 -20.04
N ARG C 547 12.58 15.77 -20.51
CA ARG C 547 11.71 14.82 -21.18
C ARG C 547 10.70 14.20 -20.21
N LEU C 548 11.13 13.99 -18.96
CA LEU C 548 10.24 13.42 -17.95
C LEU C 548 9.16 14.40 -17.50
N CYS C 549 9.51 15.68 -17.42
CA CYS C 549 8.56 16.72 -17.03
C CYS C 549 7.34 16.72 -17.93
N ARG C 550 7.53 16.28 -19.18
CA ARG C 550 6.44 16.20 -20.15
C ARG C 550 5.81 14.82 -20.19
N LEU C 551 6.64 13.79 -20.25
CA LEU C 551 6.17 12.40 -20.35
C LEU C 551 5.42 11.82 -19.17
N VAL C 552 5.97 11.94 -17.96
CA VAL C 552 5.33 11.37 -16.79
C VAL C 552 3.91 11.91 -16.54
N PRO C 553 3.76 13.24 -16.42
CA PRO C 553 2.42 13.80 -16.17
C PRO C 553 1.40 13.39 -17.24
N GLU C 554 1.83 13.39 -18.50
CA GLU C 554 0.95 13.00 -19.61
C GLU C 554 0.46 11.56 -19.49
N VAL C 555 1.40 10.64 -19.26
CA VAL C 555 1.06 9.24 -19.13
C VAL C 555 0.09 9.04 -17.97
N MET C 556 0.38 9.68 -16.84
CA MET C 556 -0.48 9.58 -15.65
C MET C 556 -1.84 10.24 -15.87
N GLU C 557 -1.85 11.36 -16.58
CA GLU C 557 -3.10 12.06 -16.84
C GLU C 557 -4.00 11.30 -17.82
N GLN C 558 -3.40 10.55 -18.75
CA GLN C 558 -4.16 9.80 -19.75
C GLN C 558 -4.38 8.32 -19.45
N ALA C 559 -3.95 7.85 -18.28
CA ALA C 559 -4.13 6.44 -17.91
C ALA C 559 -5.55 5.99 -18.17
N VAL C 560 -6.52 6.81 -17.74
CA VAL C 560 -7.93 6.52 -17.95
C VAL C 560 -8.61 7.83 -18.32
N THR C 561 -9.79 7.75 -18.93
CA THR C 561 -10.52 8.94 -19.32
C THR C 561 -11.77 9.07 -18.45
N LEU C 562 -11.85 10.14 -17.67
CA LEU C 562 -12.98 10.39 -16.79
C LEU C 562 -13.79 11.60 -17.26
N ARG C 563 -14.94 11.82 -16.63
CA ARG C 563 -15.80 12.95 -16.99
C ARG C 563 -15.14 14.28 -16.60
N VAL C 564 -14.09 14.20 -15.80
CA VAL C 564 -13.34 15.39 -15.40
C VAL C 564 -11.89 15.12 -15.76
N PRO C 565 -11.08 16.18 -15.89
CA PRO C 565 -9.67 15.99 -16.22
C PRO C 565 -8.90 15.45 -15.02
N LEU C 566 -7.79 14.77 -15.28
CA LEU C 566 -6.92 14.28 -14.21
C LEU C 566 -5.75 15.26 -14.27
N LYS C 567 -5.30 15.73 -13.10
CA LYS C 567 -4.21 16.69 -13.03
C LYS C 567 -3.04 16.11 -12.24
N VAL C 568 -1.84 16.21 -12.81
CA VAL C 568 -0.65 15.70 -12.16
C VAL C 568 0.40 16.78 -11.99
N ASP C 569 0.88 16.95 -10.75
CA ASP C 569 1.92 17.93 -10.49
C ASP C 569 3.21 17.14 -10.40
N TYR C 570 4.34 17.83 -10.55
CA TYR C 570 5.63 17.16 -10.53
C TYR C 570 6.75 18.08 -10.08
N HIS C 571 7.76 17.48 -9.47
CA HIS C 571 8.93 18.20 -8.97
C HIS C 571 10.11 17.23 -9.06
N TYR C 572 11.33 17.77 -9.08
CA TYR C 572 12.51 16.93 -9.14
C TYR C 572 13.68 17.60 -8.44
N GLY C 573 14.64 16.81 -7.95
CA GLY C 573 15.77 17.40 -7.27
C GLY C 573 16.84 16.43 -6.83
N SER C 574 17.84 16.95 -6.13
CA SER C 574 18.97 16.16 -5.64
C SER C 574 18.57 15.02 -4.72
N THR C 575 17.52 15.23 -3.93
CA THR C 575 17.04 14.20 -3.01
C THR C 575 15.52 14.21 -3.05
N TRP C 576 14.92 13.20 -2.41
CA TRP C 576 13.47 13.09 -2.35
C TRP C 576 12.88 14.36 -1.74
N TYR C 577 13.52 14.86 -0.69
CA TYR C 577 13.07 16.07 -0.02
C TYR C 577 13.04 17.25 -1.00
N ASP C 578 14.09 17.37 -1.81
CA ASP C 578 14.21 18.45 -2.77
C ASP C 578 13.25 18.31 -3.94
N ALA C 579 12.71 17.12 -4.14
CA ALA C 579 11.77 16.89 -5.22
C ALA C 579 10.43 17.49 -4.79
N LYS C 580 10.44 18.81 -4.60
CA LYS C 580 9.24 19.55 -4.18
C LYS C 580 9.15 20.89 -4.89
C1 GLC D . 4.45 -12.50 3.28
C2 GLC D . 4.35 -12.53 4.84
C3 GLC D . 3.96 -10.98 5.28
C4 GLC D . 5.11 -10.01 4.82
C5 GLC D . 5.38 -10.15 3.28
C6 GLC D . 6.65 -9.43 2.81
O2 GLC D . 3.30 -13.40 5.26
O3 GLC D . 3.88 -10.98 6.70
O4 GLC D . 4.72 -8.67 5.18
O5 GLC D . 5.54 -11.57 2.92
O6 GLC D . 7.80 -9.88 3.53
C1 FRU D . 2.19 -14.23 1.90
C2 FRU D . 2.56 -12.75 1.54
C3 FRU D . 1.43 -11.95 0.85
C4 FRU D . 2.22 -10.99 -0.06
C5 FRU D . 3.44 -11.84 -0.48
C6 FRU D . 4.79 -11.10 -0.63
O1 FRU D . 1.91 -15.02 0.74
O2 FRU D . 3.17 -12.07 2.68
O3 FRU D . 0.58 -11.23 1.76
O4 FRU D . 1.41 -10.54 -1.14
O5 FRU D . 3.60 -12.85 0.55
O6 FRU D . 5.82 -12.05 -0.86
MG MG E . -1.35 14.91 -4.17
S SO4 F . -0.97 -40.07 -7.22
O1 SO4 F . -0.57 -38.79 -6.58
O2 SO4 F . -2.41 -40.27 -7.09
O3 SO4 F . -0.61 -40.03 -8.65
O4 SO4 F . -0.26 -41.18 -6.55
S SO4 G . -32.90 -10.43 13.51
O1 SO4 G . -31.79 -11.05 12.77
O2 SO4 G . -33.01 -11.04 14.84
O3 SO4 G . -32.64 -8.97 13.66
O4 SO4 G . -34.17 -10.63 12.77
S SO4 H . -4.05 22.20 0.74
O1 SO4 H . -4.76 22.33 2.03
O2 SO4 H . -4.96 21.58 -0.26
O3 SO4 H . -2.86 21.35 0.92
O4 SO4 H . -3.63 23.53 0.28
#